data_5HMW
#
_entry.id   5HMW
#
_cell.length_a   161.880
_cell.length_b   179.390
_cell.length_c   58.000
_cell.angle_alpha   90.000
_cell.angle_beta   90.000
_cell.angle_gamma   90.000
#
_symmetry.space_group_name_H-M   'C 2 2 21'
#
loop_
_entity.id
_entity.type
_entity.pdbx_description
1 polymer 'RNA-directed RNA polymerase NS5'
2 non-polymer 'ZINC ION'
3 non-polymer "2,2'-biphenyl-3,5-diyldiacetic acid"
4 water water
#
_entity_poly.entity_id   1
_entity_poly.type   'polypeptide(L)'
_entity_poly.pdbx_seq_one_letter_code
;GSHMLDNMDVIGERIKRIKEEHNSTWHYDDENPYKTWAYHGSYEVKATGSASSMINGVVKLLTKPWDVVPMVTQMAMTDT
TPFGQQRVFKEKVDTRTPRPLPGTRKVMEITAEWLWRTLGRNKRPRLCTREEFTKKVRTNAAMGAVFTEENQWDSAKAAV
EDEEFWKLVDRERELHKLGKCGSCVYNMMGKREKKLGEFGKAKGSRAIWYMWLGVRYLEFEALGFLNEDHWFSRENSYSG
VEGEGLHKLGYILRDISKIPGGAMYADDTAGWDTRITEDDLHNEEKIIQQMDPEHRQLANAIFKLTYQNKVVKVQRPTPT
GTVMDIISRKDQRGSGQVGTYGLNTFTNMEAQLVRQMEGEGVLTKADLENPHLLEKKITQWLETKGVERLKRMAISGDDC
VVKPIDDRFANALLALNDMGKVRKDIPQWQPSKGWHDWQQVPFCSHHFHELIMKDGRKLVVPCRPQDELIGRARISQGAG
WSLRETACLGKAYAQMWSLMYFHRRDLRLASNAICSAVPVHWVPTSRTTWSIHAHHQWMTTEDMLTVWNRVWIEENPWME
DKTPVTTWENVPYLGKREDQWCGSLIGLTSRATWAQNIPTAIQQVRSLIGNEEFLDYMPSMKRFRKEEESEGAIW
;
_entity_poly.pdbx_strand_id   A
#
# COMPACT_ATOMS: atom_id res chain seq x y z
N ASN A 7 -20.04 24.64 -6.10
CA ASN A 7 -18.72 24.00 -5.99
C ASN A 7 -17.57 24.83 -6.61
N MET A 8 -17.85 25.61 -7.70
CA MET A 8 -16.86 26.42 -8.42
C MET A 8 -16.17 27.50 -7.55
N ASP A 9 -16.76 27.87 -6.41
CA ASP A 9 -16.17 28.83 -5.46
C ASP A 9 -14.90 28.28 -4.77
N VAL A 10 -14.77 26.94 -4.72
CA VAL A 10 -13.67 26.22 -4.07
C VAL A 10 -12.62 25.74 -5.09
N ILE A 11 -13.07 25.32 -6.30
CA ILE A 11 -12.20 24.73 -7.31
C ILE A 11 -11.81 25.68 -8.46
N GLY A 12 -12.58 26.75 -8.65
CA GLY A 12 -12.41 27.75 -9.71
C GLY A 12 -11.03 28.33 -9.91
N GLU A 13 -10.38 28.80 -8.82
CA GLU A 13 -9.03 29.38 -8.89
C GLU A 13 -8.01 28.42 -9.47
N ARG A 14 -8.07 27.12 -9.08
CA ARG A 14 -7.19 26.06 -9.57
C ARG A 14 -7.38 25.85 -11.08
N ILE A 15 -8.65 25.77 -11.53
CA ILE A 15 -9.02 25.57 -12.93
C ILE A 15 -8.54 26.77 -13.77
N LYS A 16 -8.83 28.01 -13.28
CA LYS A 16 -8.42 29.27 -13.90
C LYS A 16 -6.91 29.27 -14.21
N ARG A 17 -6.09 28.79 -13.26
CA ARG A 17 -4.64 28.73 -13.43
C ARG A 17 -4.21 27.67 -14.45
N ILE A 18 -4.95 26.55 -14.57
CA ILE A 18 -4.64 25.48 -15.56
C ILE A 18 -5.05 25.98 -16.96
N LYS A 19 -6.20 26.67 -17.03
CA LYS A 19 -6.78 27.28 -18.22
C LYS A 19 -5.78 28.27 -18.84
N GLU A 20 -5.26 29.21 -18.01
CA GLU A 20 -4.29 30.22 -18.40
C GLU A 20 -2.92 29.61 -18.78
N GLU A 21 -2.41 28.66 -17.97
CA GLU A 21 -1.12 27.98 -18.21
C GLU A 21 -1.09 27.18 -19.53
N HIS A 22 -2.27 26.75 -20.03
CA HIS A 22 -2.39 25.97 -21.26
C HIS A 22 -3.50 26.53 -22.15
N ASN A 23 -3.56 27.87 -22.33
CA ASN A 23 -4.59 28.50 -23.18
C ASN A 23 -4.31 28.31 -24.69
N SER A 24 -3.09 27.84 -25.03
CA SER A 24 -2.64 27.57 -26.40
C SER A 24 -3.42 26.39 -26.99
N THR A 25 -3.73 25.38 -26.14
CA THR A 25 -4.43 24.14 -26.51
C THR A 25 -5.70 23.86 -25.69
N TRP A 26 -6.17 24.82 -24.85
CA TRP A 26 -7.38 24.65 -24.02
C TRP A 26 -8.65 24.61 -24.86
N HIS A 27 -9.50 23.60 -24.59
CA HIS A 27 -10.77 23.34 -25.27
C HIS A 27 -11.68 22.47 -24.42
N TYR A 28 -12.98 22.54 -24.69
CA TYR A 28 -14.00 21.74 -24.05
C TYR A 28 -14.37 20.61 -25.02
N ASP A 29 -13.75 19.44 -24.83
CA ASP A 29 -14.03 18.24 -25.63
C ASP A 29 -15.43 17.75 -25.22
N ASP A 30 -16.43 17.93 -26.10
CA ASP A 30 -17.82 17.54 -25.82
C ASP A 30 -18.08 16.04 -25.95
N GLU A 31 -17.04 15.26 -26.30
CA GLU A 31 -17.11 13.80 -26.39
C GLU A 31 -16.15 13.14 -25.36
N ASN A 32 -16.23 13.64 -24.09
CA ASN A 32 -15.46 13.17 -22.93
C ASN A 32 -16.27 12.05 -22.21
N PRO A 33 -15.61 11.06 -21.55
CA PRO A 33 -16.37 9.93 -20.98
C PRO A 33 -16.90 10.08 -19.55
N TYR A 34 -16.65 11.21 -18.88
CA TYR A 34 -17.03 11.42 -17.47
C TYR A 34 -18.56 11.58 -17.26
N LYS A 35 -19.13 10.69 -16.38
CA LYS A 35 -20.57 10.67 -16.03
C LYS A 35 -20.85 11.07 -14.56
N THR A 36 -19.95 10.76 -13.61
CA THR A 36 -20.13 11.07 -12.17
C THR A 36 -19.24 12.24 -11.73
N TRP A 37 -18.07 12.37 -12.37
CA TRP A 37 -17.12 13.44 -12.15
C TRP A 37 -17.51 14.62 -13.04
N ALA A 38 -17.29 15.85 -12.54
CA ALA A 38 -17.53 17.08 -13.31
C ALA A 38 -16.31 17.30 -14.22
N TYR A 39 -16.55 17.51 -15.53
CA TYR A 39 -15.50 17.74 -16.52
C TYR A 39 -15.40 19.24 -16.82
N HIS A 40 -14.17 19.78 -16.80
CA HIS A 40 -13.94 21.22 -17.01
C HIS A 40 -13.32 21.59 -18.36
N GLY A 41 -12.38 20.79 -18.84
CA GLY A 41 -11.71 21.02 -20.10
C GLY A 41 -10.49 20.15 -20.31
N SER A 42 -9.79 20.36 -21.44
CA SER A 42 -8.61 19.59 -21.84
C SER A 42 -7.55 20.45 -22.54
N TYR A 43 -6.31 19.93 -22.60
CA TYR A 43 -5.15 20.52 -23.27
C TYR A 43 -4.19 19.41 -23.76
N GLU A 44 -3.51 19.66 -24.90
CA GLU A 44 -2.60 18.68 -25.51
C GLU A 44 -1.32 18.43 -24.70
N VAL A 45 -0.82 17.17 -24.73
CA VAL A 45 0.38 16.67 -24.04
C VAL A 45 1.05 15.52 -24.85
N LYS A 46 2.31 15.16 -24.50
CA LYS A 46 3.04 14.04 -25.09
C LYS A 46 2.54 12.76 -24.38
N ALA A 47 2.41 11.62 -25.11
CA ALA A 47 1.94 10.34 -24.55
C ALA A 47 2.95 9.72 -23.56
N THR A 48 2.48 9.33 -22.35
CA THR A 48 3.31 8.73 -21.29
C THR A 48 2.93 7.26 -21.01
N GLY A 49 3.94 6.41 -20.78
CA GLY A 49 3.76 4.99 -20.48
C GLY A 49 3.64 4.08 -21.68
N SER A 50 3.89 2.76 -21.47
CA SER A 50 3.80 1.72 -22.49
C SER A 50 2.94 0.51 -22.06
N ALA A 51 2.44 -0.29 -23.04
CA ALA A 51 1.63 -1.49 -22.83
C ALA A 51 2.44 -2.65 -22.22
N SER A 52 3.78 -2.60 -22.40
CA SER A 52 4.76 -3.56 -21.87
C SER A 52 5.69 -2.84 -20.88
N SER A 53 6.68 -3.56 -20.32
CA SER A 53 7.68 -3.03 -19.38
C SER A 53 9.04 -3.69 -19.64
N MET A 54 10.17 -2.94 -19.40
CA MET A 54 11.51 -3.49 -19.62
C MET A 54 11.81 -4.66 -18.70
N ILE A 55 12.37 -5.72 -19.30
CA ILE A 55 12.73 -6.96 -18.62
C ILE A 55 14.14 -6.86 -18.04
N ASN A 56 14.29 -7.35 -16.79
CA ASN A 56 15.58 -7.43 -16.12
C ASN A 56 16.27 -8.67 -16.68
N GLY A 57 17.23 -8.44 -17.58
CA GLY A 57 17.98 -9.50 -18.23
C GLY A 57 18.77 -10.39 -17.29
N VAL A 58 19.25 -9.82 -16.16
CA VAL A 58 20.02 -10.60 -15.19
C VAL A 58 19.13 -11.63 -14.51
N VAL A 59 17.95 -11.19 -14.03
CA VAL A 59 16.95 -12.05 -13.36
C VAL A 59 16.39 -13.04 -14.35
N LYS A 60 16.04 -12.59 -15.56
CA LYS A 60 15.50 -13.47 -16.62
C LYS A 60 16.53 -14.57 -16.98
N LEU A 61 17.79 -14.19 -17.20
CA LEU A 61 18.81 -15.19 -17.51
C LEU A 61 18.98 -16.28 -16.45
N LEU A 62 18.77 -15.93 -15.15
CA LEU A 62 18.95 -16.87 -14.05
C LEU A 62 17.63 -17.56 -13.58
N THR A 63 16.51 -17.30 -14.30
CA THR A 63 15.22 -17.95 -13.99
C THR A 63 14.58 -18.48 -15.30
N LYS A 64 15.36 -19.22 -16.12
CA LYS A 64 14.95 -19.82 -17.41
C LYS A 64 13.66 -20.69 -17.32
N PRO A 65 13.46 -21.63 -16.33
CA PRO A 65 12.18 -22.38 -16.29
C PRO A 65 10.90 -21.51 -16.23
N TRP A 66 11.01 -20.26 -15.75
CA TRP A 66 9.89 -19.34 -15.64
C TRP A 66 9.66 -18.57 -16.93
N ASP A 67 10.44 -18.89 -18.00
CA ASP A 67 10.22 -18.29 -19.31
C ASP A 67 8.88 -18.89 -19.86
N VAL A 68 8.54 -20.14 -19.43
CA VAL A 68 7.30 -20.83 -19.82
C VAL A 68 6.23 -20.80 -18.71
N VAL A 69 6.06 -19.65 -18.02
CA VAL A 69 5.07 -19.58 -16.94
C VAL A 69 4.07 -18.42 -17.22
N PRO A 70 2.77 -18.78 -17.39
CA PRO A 70 1.76 -17.76 -17.76
C PRO A 70 1.68 -16.51 -16.88
N MET A 71 1.71 -16.64 -15.55
CA MET A 71 1.67 -15.45 -14.68
C MET A 71 2.91 -14.55 -14.87
N VAL A 72 4.09 -15.16 -15.08
CA VAL A 72 5.35 -14.45 -15.31
C VAL A 72 5.23 -13.60 -16.59
N THR A 73 4.76 -14.23 -17.70
CA THR A 73 4.51 -13.59 -19.01
C THR A 73 3.51 -12.45 -18.87
N GLN A 74 2.40 -12.69 -18.14
CA GLN A 74 1.36 -11.70 -17.89
C GLN A 74 1.89 -10.43 -17.25
N MET A 75 2.72 -10.59 -16.19
CA MET A 75 3.31 -9.45 -15.47
C MET A 75 4.23 -8.58 -16.34
N ALA A 76 4.91 -9.18 -17.33
CA ALA A 76 5.80 -8.49 -18.29
C ALA A 76 5.04 -7.46 -19.18
N MET A 77 3.71 -7.31 -18.98
CA MET A 77 2.85 -6.37 -19.70
C MET A 77 2.47 -5.20 -18.75
N THR A 78 1.17 -5.04 -18.39
CA THR A 78 0.59 -3.97 -17.55
C THR A 78 0.59 -2.65 -18.34
N ASP A 79 -0.62 -2.19 -18.74
CA ASP A 79 -0.87 -0.99 -19.52
C ASP A 79 -0.89 0.29 -18.67
N THR A 80 0.08 1.20 -18.91
CA THR A 80 0.23 2.49 -18.21
C THR A 80 0.01 3.68 -19.15
N THR A 81 -0.30 3.41 -20.44
CA THR A 81 -0.57 4.38 -21.52
C THR A 81 -1.86 5.20 -21.22
N PRO A 82 -2.11 6.36 -21.90
CA PRO A 82 -3.38 7.08 -21.68
C PRO A 82 -4.64 6.22 -21.93
N PHE A 83 -4.54 5.22 -22.84
CA PHE A 83 -5.62 4.28 -23.19
C PHE A 83 -5.95 3.35 -22.02
N GLY A 84 -4.92 2.70 -21.46
CA GLY A 84 -5.03 1.78 -20.34
C GLY A 84 -5.56 2.43 -19.07
N GLN A 85 -5.15 3.70 -18.85
CA GLN A 85 -5.57 4.53 -17.71
C GLN A 85 -7.05 4.88 -17.79
N GLN A 86 -7.56 5.11 -19.02
CA GLN A 86 -8.95 5.46 -19.31
C GLN A 86 -9.91 4.29 -19.10
N ARG A 87 -9.51 3.06 -19.48
CA ARG A 87 -10.33 1.84 -19.37
C ARG A 87 -10.56 1.42 -17.90
N VAL A 88 -9.49 1.51 -17.08
CA VAL A 88 -9.48 1.22 -15.63
C VAL A 88 -10.35 2.25 -14.87
N PHE A 89 -10.30 3.53 -15.33
CA PHE A 89 -11.06 4.66 -14.77
C PHE A 89 -12.58 4.41 -14.78
N LYS A 90 -13.21 4.32 -15.98
CA LYS A 90 -14.65 4.13 -16.16
C LYS A 90 -15.24 2.93 -15.40
N GLU A 91 -14.43 1.87 -15.22
CA GLU A 91 -14.81 0.65 -14.49
C GLU A 91 -15.24 0.95 -13.05
N LYS A 92 -14.35 1.59 -12.25
CA LYS A 92 -14.59 1.88 -10.83
C LYS A 92 -14.66 3.36 -10.48
N VAL A 93 -13.67 4.15 -10.93
CA VAL A 93 -13.54 5.58 -10.58
C VAL A 93 -14.81 6.39 -10.94
N ASP A 94 -15.39 6.15 -12.12
CA ASP A 94 -16.57 6.89 -12.59
C ASP A 94 -17.89 6.25 -12.11
N THR A 95 -18.09 6.21 -10.77
CA THR A 95 -19.30 5.73 -10.09
C THR A 95 -19.69 6.63 -8.91
N ARG A 96 -20.91 6.41 -8.41
CA ARG A 96 -21.49 7.11 -7.28
C ARG A 96 -21.93 6.02 -6.25
N THR A 97 -21.56 6.21 -4.96
CA THR A 97 -21.94 5.30 -3.87
C THR A 97 -23.26 5.81 -3.30
N PRO A 98 -24.33 4.97 -3.12
CA PRO A 98 -25.57 5.50 -2.51
C PRO A 98 -25.30 5.98 -1.07
N ARG A 99 -25.98 7.03 -0.66
CA ARG A 99 -25.77 7.61 0.65
C ARG A 99 -26.23 6.69 1.79
N PRO A 100 -25.37 6.47 2.84
CA PRO A 100 -25.81 5.58 3.94
C PRO A 100 -27.10 6.10 4.58
N LEU A 101 -27.87 5.20 5.20
CA LEU A 101 -29.11 5.53 5.88
C LEU A 101 -28.85 6.43 7.12
N PRO A 102 -29.89 7.14 7.64
CA PRO A 102 -29.64 8.06 8.77
C PRO A 102 -29.09 7.42 10.03
N GLY A 103 -29.57 6.22 10.40
CA GLY A 103 -29.09 5.48 11.56
C GLY A 103 -27.64 5.04 11.37
N THR A 104 -27.30 4.50 10.18
CA THR A 104 -25.93 4.07 9.83
C THR A 104 -24.98 5.26 9.99
N ARG A 105 -25.41 6.44 9.45
CA ARG A 105 -24.62 7.67 9.54
C ARG A 105 -24.39 8.07 11.01
N LYS A 106 -25.36 7.84 11.88
CA LYS A 106 -25.30 8.15 13.31
C LYS A 106 -24.30 7.22 14.02
N VAL A 107 -24.39 5.89 13.81
CA VAL A 107 -23.45 4.91 14.38
C VAL A 107 -22.03 5.27 13.94
N MET A 108 -21.84 5.60 12.65
CA MET A 108 -20.52 5.95 12.12
C MET A 108 -19.90 7.13 12.83
N GLU A 109 -20.72 8.14 13.14
CA GLU A 109 -20.34 9.38 13.80
C GLU A 109 -19.96 9.09 15.25
N ILE A 110 -20.77 8.32 15.97
CA ILE A 110 -20.48 7.94 17.36
C ILE A 110 -19.16 7.19 17.43
N THR A 111 -18.99 6.17 16.56
CA THR A 111 -17.81 5.32 16.46
C THR A 111 -16.57 6.14 16.08
N ALA A 112 -16.64 6.98 15.02
CA ALA A 112 -15.53 7.83 14.57
C ALA A 112 -15.04 8.72 15.73
N GLU A 113 -15.96 9.36 16.46
CA GLU A 113 -15.63 10.22 17.60
C GLU A 113 -14.86 9.49 18.67
N TRP A 114 -15.37 8.32 19.06
CA TRP A 114 -14.79 7.45 20.06
C TRP A 114 -13.39 6.98 19.60
N LEU A 115 -13.30 6.57 18.32
CA LEU A 115 -12.08 6.08 17.72
C LEU A 115 -11.01 7.17 17.65
N TRP A 116 -11.36 8.41 17.23
CA TRP A 116 -10.37 9.48 17.20
C TRP A 116 -9.87 9.83 18.60
N ARG A 117 -10.74 9.75 19.62
CA ARG A 117 -10.34 10.06 21.01
C ARG A 117 -9.44 8.98 21.54
N THR A 118 -9.70 7.72 21.17
CA THR A 118 -8.89 6.57 21.58
C THR A 118 -7.50 6.65 20.93
N LEU A 119 -7.46 7.01 19.65
CA LEU A 119 -6.22 7.14 18.90
C LEU A 119 -5.31 8.26 19.40
N GLY A 120 -5.92 9.29 19.97
CA GLY A 120 -5.22 10.46 20.47
C GLY A 120 -5.10 10.53 21.99
N ARG A 121 -5.27 9.40 22.68
CA ARG A 121 -5.20 9.32 24.15
C ARG A 121 -3.80 9.65 24.69
N ASN A 122 -2.72 9.26 23.97
CA ASN A 122 -1.31 9.48 24.35
C ASN A 122 -0.63 10.48 23.46
N LYS A 123 -0.99 10.49 22.18
CA LYS A 123 -0.36 11.37 21.21
C LYS A 123 -1.18 12.60 20.99
N ARG A 124 -0.53 13.66 20.54
CA ARG A 124 -1.17 14.91 20.20
C ARG A 124 -0.82 15.22 18.74
N PRO A 125 -1.77 15.69 17.91
CA PRO A 125 -1.40 16.05 16.53
C PRO A 125 -0.41 17.21 16.53
N ARG A 126 0.44 17.27 15.50
CA ARG A 126 1.42 18.33 15.32
C ARG A 126 1.68 18.59 13.83
N LEU A 127 2.27 19.74 13.49
CA LEU A 127 2.59 20.02 12.10
C LEU A 127 3.88 19.32 11.72
N CYS A 128 3.96 18.87 10.46
CA CYS A 128 5.19 18.30 9.95
C CYS A 128 5.93 19.45 9.21
N THR A 129 7.25 19.31 9.05
CA THR A 129 8.11 20.40 8.56
C THR A 129 8.80 20.19 7.22
N ARG A 130 9.30 21.32 6.67
CA ARG A 130 10.13 21.46 5.47
C ARG A 130 11.36 20.53 5.54
N GLU A 131 12.02 20.48 6.72
CA GLU A 131 13.22 19.67 6.98
C GLU A 131 12.90 18.18 7.04
N GLU A 132 11.72 17.83 7.60
CA GLU A 132 11.25 16.45 7.64
C GLU A 132 11.00 15.96 6.20
N PHE A 133 10.27 16.77 5.40
CA PHE A 133 9.94 16.49 4.01
C PHE A 133 11.19 16.44 3.12
N THR A 134 12.17 17.32 3.40
CA THR A 134 13.47 17.40 2.71
C THR A 134 14.28 16.13 3.01
N LYS A 135 14.47 15.77 4.32
CA LYS A 135 15.17 14.56 4.75
C LYS A 135 14.53 13.31 4.12
N LYS A 136 13.17 13.28 4.03
CA LYS A 136 12.38 12.20 3.43
C LYS A 136 12.62 12.08 1.91
N VAL A 137 12.52 13.22 1.17
CA VAL A 137 12.74 13.26 -0.27
C VAL A 137 14.21 12.88 -0.60
N ARG A 138 15.18 13.22 0.30
CA ARG A 138 16.61 12.89 0.15
C ARG A 138 16.80 11.37 0.25
N THR A 139 16.53 10.79 1.45
CA THR A 139 16.67 9.36 1.78
C THR A 139 15.90 8.43 0.82
N ASN A 140 14.78 8.91 0.22
CA ASN A 140 14.05 8.09 -0.72
C ASN A 140 14.69 8.08 -2.11
N ALA A 141 15.23 9.23 -2.56
CA ALA A 141 15.92 9.36 -3.85
C ALA A 141 17.35 8.76 -3.82
N ALA A 142 18.01 8.78 -2.64
CA ALA A 142 19.36 8.26 -2.43
C ALA A 142 19.35 7.07 -1.49
N ASP A 154 14.09 12.33 -7.98
CA ASP A 154 15.00 12.85 -9.01
C ASP A 154 14.85 14.38 -9.13
N SER A 155 13.77 14.84 -9.82
CA SER A 155 13.47 16.26 -10.00
C SER A 155 12.81 16.83 -8.71
N ALA A 156 12.47 15.94 -7.76
CA ALA A 156 11.89 16.26 -6.47
C ALA A 156 12.98 16.82 -5.55
N LYS A 157 14.17 16.19 -5.56
CA LYS A 157 15.34 16.59 -4.77
C LYS A 157 15.86 17.95 -5.25
N ALA A 158 15.75 18.22 -6.57
CA ALA A 158 16.16 19.47 -7.21
C ALA A 158 15.26 20.63 -6.77
N ALA A 159 13.96 20.35 -6.59
CA ALA A 159 12.93 21.29 -6.15
C ALA A 159 13.09 21.58 -4.65
N VAL A 160 13.40 20.53 -3.86
CA VAL A 160 13.61 20.59 -2.42
C VAL A 160 14.86 21.43 -2.07
N GLU A 161 15.90 21.34 -2.94
CA GLU A 161 17.16 22.08 -2.82
C GLU A 161 17.02 23.53 -3.33
N ASP A 162 15.93 23.83 -4.06
CA ASP A 162 15.65 25.16 -4.59
C ASP A 162 14.74 25.96 -3.66
N GLU A 163 15.21 27.16 -3.24
CA GLU A 163 14.46 28.09 -2.38
C GLU A 163 13.23 28.67 -3.06
N GLU A 164 13.20 28.72 -4.41
CA GLU A 164 12.06 29.22 -5.18
C GLU A 164 10.83 28.31 -5.08
N PHE A 165 11.05 27.01 -4.81
CA PHE A 165 9.98 26.02 -4.61
C PHE A 165 9.27 26.33 -3.28
N TRP A 166 10.07 26.55 -2.24
CA TRP A 166 9.63 26.83 -0.88
C TRP A 166 8.90 28.15 -0.75
N LYS A 167 9.24 29.13 -1.62
CA LYS A 167 8.60 30.43 -1.66
C LYS A 167 7.19 30.29 -2.23
N LEU A 168 7.00 29.33 -3.15
CA LEU A 168 5.69 29.05 -3.75
C LEU A 168 4.77 28.31 -2.77
N VAL A 169 5.35 27.38 -1.99
CA VAL A 169 4.68 26.61 -0.93
C VAL A 169 4.08 27.61 0.09
N ASP A 170 4.90 28.62 0.49
CA ASP A 170 4.57 29.70 1.42
C ASP A 170 3.42 30.53 0.87
N ARG A 171 3.41 30.79 -0.47
CA ARG A 171 2.35 31.54 -1.13
C ARG A 171 1.03 30.75 -1.09
N GLU A 172 1.09 29.43 -1.42
CA GLU A 172 -0.06 28.53 -1.39
C GLU A 172 -0.63 28.41 0.03
N ARG A 173 0.24 28.28 1.04
CA ARG A 173 -0.14 28.23 2.46
C ARG A 173 -0.93 29.47 2.85
N GLU A 174 -0.50 30.66 2.38
CA GLU A 174 -1.23 31.92 2.67
C GLU A 174 -2.65 31.89 2.10
N LEU A 175 -2.85 31.27 0.93
CA LEU A 175 -4.20 31.11 0.38
C LEU A 175 -5.03 30.15 1.26
N HIS A 176 -4.41 29.04 1.73
CA HIS A 176 -5.06 28.04 2.58
C HIS A 176 -5.57 28.63 3.88
N LYS A 177 -4.76 29.54 4.52
CA LYS A 177 -5.11 30.23 5.75
C LYS A 177 -6.30 31.16 5.53
N LEU A 178 -6.51 31.60 4.28
CA LEU A 178 -7.62 32.45 3.80
C LEU A 178 -8.83 31.59 3.40
N GLY A 179 -8.63 30.27 3.33
CA GLY A 179 -9.67 29.31 2.95
C GLY A 179 -9.78 29.16 1.44
N LYS A 180 -8.66 29.41 0.73
CA LYS A 180 -8.61 29.34 -0.73
C LYS A 180 -7.51 28.40 -1.18
N CYS A 181 -7.64 27.87 -2.40
CA CYS A 181 -6.65 27.01 -3.02
C CYS A 181 -6.43 27.49 -4.47
N GLY A 182 -5.18 27.44 -4.95
CA GLY A 182 -4.85 27.87 -6.30
C GLY A 182 -4.02 26.90 -7.13
N SER A 183 -3.32 25.96 -6.48
CA SER A 183 -2.47 25.04 -7.23
C SER A 183 -2.44 23.58 -6.74
N CYS A 184 -3.35 23.20 -5.81
CA CYS A 184 -3.35 21.83 -5.28
C CYS A 184 -4.22 20.90 -6.15
N VAL A 185 -3.54 20.24 -7.12
CA VAL A 185 -4.15 19.37 -8.13
C VAL A 185 -3.55 17.97 -8.10
N TYR A 186 -4.42 16.96 -8.00
CA TYR A 186 -4.06 15.54 -7.95
C TYR A 186 -3.99 14.98 -9.39
N ASN A 187 -3.10 14.02 -9.63
CA ASN A 187 -2.92 13.37 -10.94
C ASN A 187 -3.35 11.89 -10.90
N MET A 188 -3.95 11.39 -12.01
CA MET A 188 -4.37 9.99 -12.13
C MET A 188 -3.26 9.14 -12.72
N SER A 205 9.23 22.15 -17.20
CA SER A 205 8.64 21.08 -16.37
C SER A 205 8.32 21.55 -14.95
N ARG A 206 9.24 22.33 -14.33
CA ARG A 206 9.18 22.81 -12.96
C ARG A 206 8.00 23.78 -12.64
N ALA A 207 7.33 24.38 -13.65
CA ALA A 207 6.20 25.29 -13.41
C ALA A 207 5.06 24.58 -12.65
N ILE A 208 4.52 23.50 -13.26
CA ILE A 208 3.45 22.67 -12.70
C ILE A 208 3.99 21.66 -11.68
N TRP A 209 5.24 21.18 -11.86
CA TRP A 209 5.90 20.23 -10.96
C TRP A 209 6.09 20.81 -9.53
N TYR A 210 6.30 22.14 -9.44
CA TYR A 210 6.44 22.84 -8.16
C TYR A 210 5.09 22.94 -7.48
N MET A 211 4.02 23.11 -8.29
CA MET A 211 2.62 23.22 -7.85
C MET A 211 2.08 21.87 -7.35
N TRP A 212 2.62 20.75 -7.88
CA TRP A 212 2.26 19.40 -7.48
C TRP A 212 3.00 19.01 -6.22
N LEU A 213 4.34 19.15 -6.21
CA LEU A 213 5.19 18.80 -5.07
C LEU A 213 4.94 19.74 -3.87
N GLY A 214 4.50 20.95 -4.16
CA GLY A 214 4.13 21.95 -3.16
C GLY A 214 2.82 21.58 -2.50
N VAL A 215 1.91 20.95 -3.27
CA VAL A 215 0.62 20.46 -2.79
C VAL A 215 0.82 19.28 -1.85
N ARG A 216 1.73 18.35 -2.23
CA ARG A 216 2.06 17.16 -1.44
CA ARG A 216 2.12 17.15 -1.49
C ARG A 216 2.78 17.54 -0.16
N TYR A 217 3.60 18.61 -0.19
CA TYR A 217 4.27 19.10 1.02
C TYR A 217 3.23 19.67 1.99
N LEU A 218 2.29 20.46 1.48
CA LEU A 218 1.26 21.09 2.33
C LEU A 218 0.34 20.08 2.97
N GLU A 219 0.09 18.98 2.27
CA GLU A 219 -0.69 17.88 2.79
C GLU A 219 0.10 17.16 3.89
N PHE A 220 1.42 16.99 3.69
CA PHE A 220 2.32 16.34 4.64
C PHE A 220 2.46 17.21 5.88
N GLU A 221 2.56 18.51 5.71
CA GLU A 221 2.64 19.47 6.82
C GLU A 221 1.42 19.35 7.77
N ALA A 222 0.21 19.26 7.21
CA ALA A 222 -1.05 19.21 7.95
C ALA A 222 -1.44 17.84 8.47
N LEU A 223 -1.11 16.76 7.70
CA LEU A 223 -1.57 15.41 8.01
C LEU A 223 -0.52 14.33 8.14
N GLY A 224 0.73 14.68 7.87
CA GLY A 224 1.86 13.77 7.95
C GLY A 224 2.10 13.14 9.31
N PHE A 225 1.72 13.85 10.42
CA PHE A 225 1.85 13.37 11.81
C PHE A 225 1.25 11.98 11.97
N LEU A 226 0.19 11.63 11.17
CA LEU A 226 -0.45 10.32 11.26
C LEU A 226 0.56 9.22 10.91
N ASN A 227 1.41 9.50 9.91
CA ASN A 227 2.44 8.56 9.48
C ASN A 227 3.67 8.71 10.34
N GLU A 228 4.20 9.94 10.41
CA GLU A 228 5.43 10.29 11.14
C GLU A 228 5.39 9.95 12.61
N ASP A 229 4.22 10.09 13.27
CA ASP A 229 4.17 9.77 14.71
C ASP A 229 3.46 8.44 15.02
N HIS A 230 3.31 7.57 14.00
CA HIS A 230 2.79 6.19 14.12
C HIS A 230 1.43 6.06 14.84
N TRP A 231 0.47 6.88 14.42
CA TRP A 231 -0.89 6.84 14.97
C TRP A 231 -1.54 5.48 14.75
N PHE A 232 -1.15 4.78 13.67
CA PHE A 232 -1.69 3.49 13.30
C PHE A 232 -0.72 2.32 13.60
N SER A 233 0.20 2.50 14.55
CA SER A 233 1.06 1.41 15.00
C SER A 233 0.17 0.47 15.80
N ARG A 234 0.58 -0.79 16.02
CA ARG A 234 -0.26 -1.69 16.80
C ARG A 234 -0.44 -1.21 18.23
N GLU A 235 0.63 -0.67 18.88
CA GLU A 235 0.55 -0.16 20.26
C GLU A 235 -0.46 0.98 20.39
N ASN A 236 -0.44 1.97 19.46
CA ASN A 236 -1.37 3.08 19.54
C ASN A 236 -2.82 2.78 19.09
N SER A 237 -3.00 2.02 18.00
CA SER A 237 -4.33 1.80 17.44
C SER A 237 -5.01 0.48 17.76
N TYR A 238 -4.28 -0.48 18.39
CA TYR A 238 -4.76 -1.86 18.68
C TYR A 238 -4.97 -2.72 17.39
N SER A 239 -5.66 -2.17 16.33
CA SER A 239 -5.96 -2.85 15.07
C SER A 239 -4.88 -2.67 14.01
N GLY A 240 -4.21 -1.52 14.06
CA GLY A 240 -3.19 -1.11 13.10
C GLY A 240 -1.96 -2.00 13.10
N VAL A 241 -1.15 -1.84 12.06
CA VAL A 241 0.08 -2.59 11.82
C VAL A 241 1.15 -1.66 11.14
N GLU A 242 0.89 -0.36 11.08
CA GLU A 242 1.83 0.59 10.47
C GLU A 242 3.18 0.55 11.25
N GLY A 243 4.27 0.39 10.50
CA GLY A 243 5.62 0.32 11.03
C GLY A 243 6.04 -1.05 11.53
N GLU A 244 5.12 -2.05 11.53
CA GLU A 244 5.44 -3.41 12.01
C GLU A 244 6.36 -4.17 11.04
N GLY A 245 6.02 -4.15 9.76
CA GLY A 245 6.81 -4.84 8.73
C GLY A 245 6.21 -6.18 8.40
N LEU A 246 6.38 -6.59 7.14
CA LEU A 246 5.85 -7.84 6.61
C LEU A 246 6.23 -9.04 7.47
N HIS A 247 7.45 -9.07 7.97
CA HIS A 247 7.95 -10.19 8.76
C HIS A 247 7.26 -10.30 10.14
N LYS A 248 6.50 -9.24 10.55
CA LYS A 248 5.75 -9.20 11.81
C LYS A 248 4.26 -9.50 11.65
N LEU A 249 3.69 -9.31 10.44
CA LEU A 249 2.25 -9.51 10.17
C LEU A 249 1.72 -10.89 10.51
N GLY A 250 2.49 -11.92 10.21
CA GLY A 250 2.13 -13.31 10.48
C GLY A 250 2.07 -13.64 11.93
N TYR A 251 3.02 -13.09 12.70
CA TYR A 251 3.05 -13.22 14.15
C TYR A 251 1.84 -12.48 14.72
N ILE A 252 1.46 -11.37 14.11
CA ILE A 252 0.28 -10.62 14.57
C ILE A 252 -1.02 -11.44 14.34
N LEU A 253 -1.15 -12.11 13.15
CA LEU A 253 -2.29 -12.96 12.81
C LEU A 253 -2.37 -14.19 13.75
N ARG A 254 -1.22 -14.77 14.08
CA ARG A 254 -1.16 -15.90 15.02
C ARG A 254 -1.61 -15.48 16.43
N ASP A 255 -1.22 -14.27 16.89
CA ASP A 255 -1.67 -13.75 18.19
C ASP A 255 -3.21 -13.53 18.25
N ILE A 256 -3.83 -12.98 17.17
CA ILE A 256 -5.28 -12.78 17.02
C ILE A 256 -5.97 -14.15 17.08
N SER A 257 -5.39 -15.18 16.45
CA SER A 257 -5.98 -16.52 16.48
C SER A 257 -6.11 -17.15 17.92
N LYS A 258 -5.35 -16.66 18.89
CA LYS A 258 -5.41 -17.14 20.29
C LYS A 258 -6.61 -16.52 21.02
N ILE A 259 -7.19 -15.42 20.49
CA ILE A 259 -8.33 -14.73 21.14
C ILE A 259 -9.58 -15.62 20.96
N PRO A 260 -10.32 -15.98 22.04
CA PRO A 260 -11.55 -16.79 21.81
C PRO A 260 -12.57 -16.02 20.97
N GLY A 261 -13.27 -16.75 20.10
CA GLY A 261 -14.29 -16.18 19.25
C GLY A 261 -14.56 -17.06 18.06
N GLY A 262 -15.09 -16.46 16.99
CA GLY A 262 -15.41 -17.19 15.79
C GLY A 262 -14.24 -17.34 14.85
N ALA A 263 -14.56 -17.58 13.58
CA ALA A 263 -13.60 -17.71 12.49
C ALA A 263 -12.89 -16.38 12.24
N MET A 264 -11.79 -16.40 11.47
CA MET A 264 -11.07 -15.19 11.10
C MET A 264 -11.57 -14.75 9.71
N TYR A 265 -12.08 -13.52 9.60
CA TYR A 265 -12.63 -12.96 8.36
C TYR A 265 -11.71 -11.96 7.71
N ALA A 266 -11.61 -12.02 6.40
CA ALA A 266 -10.74 -11.11 5.67
C ALA A 266 -11.46 -10.72 4.36
N ASP A 267 -12.55 -9.97 4.45
CA ASP A 267 -13.29 -9.60 3.23
C ASP A 267 -12.69 -8.42 2.54
N ASP A 268 -12.59 -8.50 1.21
CA ASP A 268 -12.06 -7.43 0.39
C ASP A 268 -13.22 -6.62 -0.11
N THR A 269 -13.03 -5.29 -0.20
CA THR A 269 -14.01 -4.33 -0.69
C THR A 269 -13.67 -4.06 -2.15
N ALA A 270 -14.68 -3.99 -3.01
CA ALA A 270 -14.46 -3.68 -4.43
C ALA A 270 -14.14 -2.18 -4.49
N GLY A 271 -12.91 -1.85 -4.92
CA GLY A 271 -12.46 -0.47 -5.08
C GLY A 271 -12.72 0.44 -3.89
N TRP A 272 -12.11 0.11 -2.73
CA TRP A 272 -12.24 0.86 -1.48
C TRP A 272 -12.26 2.37 -1.66
N ASP A 273 -11.22 2.93 -2.31
CA ASP A 273 -11.05 4.37 -2.54
C ASP A 273 -12.23 5.05 -3.23
N THR A 274 -12.94 4.32 -4.11
CA THR A 274 -14.15 4.83 -4.80
C THR A 274 -15.37 4.76 -3.86
N ARG A 275 -15.30 3.93 -2.80
CA ARG A 275 -16.40 3.76 -1.86
C ARG A 275 -16.36 4.69 -0.64
N ILE A 276 -15.38 5.61 -0.63
CA ILE A 276 -15.25 6.61 0.45
C ILE A 276 -16.26 7.73 0.16
N THR A 277 -17.30 7.80 0.98
CA THR A 277 -18.42 8.74 0.91
C THR A 277 -18.10 10.08 1.57
N GLU A 278 -18.94 11.10 1.30
CA GLU A 278 -18.86 12.41 1.92
C GLU A 278 -18.98 12.28 3.45
N ASP A 279 -19.83 11.34 3.91
CA ASP A 279 -20.01 11.02 5.33
C ASP A 279 -18.73 10.50 5.97
N ASP A 280 -17.98 9.62 5.30
CA ASP A 280 -16.67 9.12 5.74
C ASP A 280 -15.67 10.25 5.89
N LEU A 281 -15.60 11.16 4.88
CA LEU A 281 -14.69 12.31 4.86
C LEU A 281 -14.94 13.26 6.04
N HIS A 282 -16.23 13.43 6.39
CA HIS A 282 -16.60 14.30 7.49
CA HIS A 282 -16.72 14.26 7.51
C HIS A 282 -16.27 13.66 8.84
N ASN A 283 -16.28 12.32 8.94
CA ASN A 283 -15.89 11.62 10.17
C ASN A 283 -14.35 11.65 10.36
N GLU A 284 -13.58 11.55 9.24
CA GLU A 284 -12.10 11.53 9.23
C GLU A 284 -11.60 12.90 9.69
N GLU A 285 -12.29 13.97 9.26
CA GLU A 285 -12.05 15.38 9.57
C GLU A 285 -12.06 15.70 11.08
N LYS A 286 -12.75 14.90 11.89
CA LYS A 286 -12.92 15.05 13.35
C LYS A 286 -11.59 15.07 14.12
N ILE A 287 -10.51 14.64 13.49
CA ILE A 287 -9.17 14.71 14.08
C ILE A 287 -8.74 16.19 14.30
N ILE A 288 -9.28 17.14 13.51
CA ILE A 288 -8.93 18.56 13.60
C ILE A 288 -9.27 19.13 15.01
N GLN A 289 -10.25 18.51 15.71
CA GLN A 289 -10.71 18.89 17.04
C GLN A 289 -9.63 18.72 18.11
N GLN A 290 -8.62 17.89 17.82
CA GLN A 290 -7.54 17.61 18.77
C GLN A 290 -6.28 18.41 18.44
N MET A 291 -6.36 19.28 17.42
CA MET A 291 -5.24 20.09 16.95
C MET A 291 -5.14 21.48 17.57
N ASP A 292 -3.90 22.03 17.57
CA ASP A 292 -3.59 23.40 17.99
C ASP A 292 -4.21 24.34 16.94
N PRO A 293 -4.60 25.59 17.30
CA PRO A 293 -5.32 26.45 16.33
C PRO A 293 -4.64 26.70 14.98
N GLU A 294 -3.32 26.94 14.98
CA GLU A 294 -2.55 27.15 13.74
C GLU A 294 -2.51 25.86 12.90
N HIS A 295 -2.51 24.68 13.57
CA HIS A 295 -2.50 23.40 12.89
C HIS A 295 -3.89 23.10 12.34
N ARG A 296 -4.93 23.34 13.18
CA ARG A 296 -6.34 23.13 12.82
C ARG A 296 -6.68 23.87 11.55
N GLN A 297 -6.26 25.14 11.45
CA GLN A 297 -6.47 26.00 10.29
C GLN A 297 -5.90 25.38 8.99
N LEU A 298 -4.69 24.81 9.04
CA LEU A 298 -4.07 24.20 7.85
C LEU A 298 -4.67 22.84 7.48
N ALA A 299 -5.00 22.01 8.50
CA ALA A 299 -5.61 20.72 8.24
C ALA A 299 -7.02 20.90 7.73
N ASN A 300 -7.77 21.85 8.30
CA ASN A 300 -9.11 22.16 7.83
C ASN A 300 -9.09 22.59 6.34
N ALA A 301 -8.02 23.30 5.91
CA ALA A 301 -7.85 23.76 4.53
C ALA A 301 -7.58 22.56 3.61
N ILE A 302 -6.76 21.59 4.06
CA ILE A 302 -6.50 20.36 3.30
C ILE A 302 -7.79 19.53 3.18
N PHE A 303 -8.50 19.30 4.29
CA PHE A 303 -9.72 18.52 4.26
C PHE A 303 -10.79 19.08 3.32
N LYS A 304 -11.14 20.36 3.51
CA LYS A 304 -12.23 21.04 2.80
C LYS A 304 -11.93 21.41 1.36
N LEU A 305 -10.68 21.80 1.07
CA LEU A 305 -10.32 22.24 -0.27
C LEU A 305 -9.71 21.15 -1.14
N THR A 306 -9.10 20.09 -0.57
CA THR A 306 -8.43 19.07 -1.41
C THR A 306 -8.99 17.62 -1.24
N TYR A 307 -9.66 17.30 -0.13
CA TYR A 307 -10.24 15.97 0.09
C TYR A 307 -11.74 15.91 -0.21
N GLN A 308 -12.46 16.94 0.23
CA GLN A 308 -13.91 17.08 0.09
C GLN A 308 -14.30 17.86 -1.19
N ASN A 309 -13.28 18.37 -1.88
CA ASN A 309 -13.38 19.09 -3.15
C ASN A 309 -12.06 18.82 -3.79
N LYS A 310 -12.04 18.32 -5.01
CA LYS A 310 -10.77 18.02 -5.65
C LYS A 310 -10.78 18.36 -7.10
N VAL A 311 -9.59 18.69 -7.63
CA VAL A 311 -9.33 19.01 -9.04
C VAL A 311 -8.32 17.96 -9.45
N VAL A 312 -8.72 17.14 -10.44
CA VAL A 312 -7.92 16.02 -10.93
C VAL A 312 -7.53 16.20 -12.38
N LYS A 313 -6.26 15.87 -12.69
CA LYS A 313 -5.65 15.84 -14.02
C LYS A 313 -5.61 14.37 -14.45
N VAL A 314 -6.26 14.02 -15.58
CA VAL A 314 -6.26 12.64 -16.09
C VAL A 314 -5.93 12.60 -17.61
N GLN A 315 -4.91 11.79 -17.97
CA GLN A 315 -4.44 11.60 -19.34
C GLN A 315 -5.43 10.75 -20.16
N ARG A 316 -5.83 11.26 -21.34
CA ARG A 316 -6.79 10.60 -22.24
C ARG A 316 -6.37 10.64 -23.73
N PRO A 317 -6.43 9.49 -24.47
CA PRO A 317 -6.14 9.56 -25.91
C PRO A 317 -7.36 10.00 -26.73
N THR A 318 -7.12 10.64 -27.87
CA THR A 318 -8.15 11.17 -28.78
C THR A 318 -7.76 10.87 -30.26
N PRO A 319 -8.66 11.03 -31.28
CA PRO A 319 -8.22 10.81 -32.68
C PRO A 319 -7.22 11.88 -33.15
N THR A 320 -7.19 13.06 -32.47
CA THR A 320 -6.28 14.17 -32.76
C THR A 320 -4.93 14.07 -32.01
N GLY A 321 -4.84 13.14 -31.04
CA GLY A 321 -3.63 12.90 -30.26
C GLY A 321 -3.87 12.52 -28.80
N THR A 322 -3.24 13.25 -27.86
CA THR A 322 -3.38 13.01 -26.41
C THR A 322 -3.75 14.31 -25.69
N VAL A 323 -4.66 14.22 -24.71
CA VAL A 323 -5.10 15.38 -23.91
C VAL A 323 -5.04 15.07 -22.41
N MET A 324 -5.02 16.14 -21.58
CA MET A 324 -5.10 16.03 -20.13
C MET A 324 -6.44 16.64 -19.77
N ASP A 325 -7.31 15.84 -19.14
CA ASP A 325 -8.63 16.30 -18.71
C ASP A 325 -8.58 16.85 -17.29
N ILE A 326 -9.36 17.90 -17.06
CA ILE A 326 -9.50 18.55 -15.75
C ILE A 326 -10.89 18.21 -15.22
N ILE A 327 -10.93 17.30 -14.21
CA ILE A 327 -12.16 16.80 -13.60
C ILE A 327 -12.25 17.13 -12.10
N SER A 328 -13.45 17.01 -11.52
CA SER A 328 -13.66 17.29 -10.12
C SER A 328 -14.83 16.49 -9.54
N ARG A 329 -14.77 16.21 -8.22
CA ARG A 329 -15.83 15.60 -7.43
C ARG A 329 -15.65 15.89 -5.93
N LYS A 330 -16.71 15.64 -5.15
CA LYS A 330 -16.72 15.93 -3.72
C LYS A 330 -16.43 14.72 -2.83
N ASP A 331 -16.48 13.51 -3.38
CA ASP A 331 -16.21 12.33 -2.58
C ASP A 331 -15.16 11.46 -3.22
N GLN A 332 -14.95 10.26 -2.68
CA GLN A 332 -13.88 9.32 -3.02
C GLN A 332 -12.56 9.78 -2.39
N ARG A 333 -11.58 8.91 -2.46
CA ARG A 333 -10.24 9.15 -1.93
C ARG A 333 -9.27 9.24 -3.09
N GLY A 334 -8.32 10.18 -2.99
CA GLY A 334 -7.22 10.30 -3.96
C GLY A 334 -6.15 9.31 -3.53
N SER A 335 -6.01 8.21 -4.29
CA SER A 335 -5.14 7.05 -4.03
C SER A 335 -3.66 7.30 -3.66
N GLY A 336 -3.05 8.35 -4.21
CA GLY A 336 -1.63 8.63 -3.97
C GLY A 336 -1.27 9.67 -2.93
N GLN A 337 -2.30 10.28 -2.29
CA GLN A 337 -2.17 11.31 -1.27
C GLN A 337 -1.48 10.84 0.03
N VAL A 338 -0.90 11.79 0.80
CA VAL A 338 -0.20 11.54 2.08
C VAL A 338 -1.13 10.87 3.11
N GLY A 339 -2.30 11.46 3.33
CA GLY A 339 -3.24 10.99 4.34
C GLY A 339 -3.97 9.70 4.06
N THR A 340 -4.01 9.29 2.78
CA THR A 340 -4.73 8.13 2.22
C THR A 340 -4.62 6.84 3.05
N TYR A 341 -3.43 6.35 3.34
CA TYR A 341 -3.26 5.10 4.10
C TYR A 341 -3.86 5.20 5.52
N GLY A 342 -3.49 6.23 6.29
CA GLY A 342 -3.97 6.45 7.65
C GLY A 342 -5.47 6.64 7.73
N LEU A 343 -6.02 7.47 6.83
CA LEU A 343 -7.46 7.73 6.76
C LEU A 343 -8.29 6.49 6.34
N ASN A 344 -7.75 5.62 5.44
CA ASN A 344 -8.39 4.37 5.02
C ASN A 344 -8.34 3.39 6.19
N THR A 345 -7.18 3.34 6.88
CA THR A 345 -7.04 2.48 8.07
C THR A 345 -8.11 2.91 9.08
N PHE A 346 -8.19 4.25 9.35
CA PHE A 346 -9.18 4.79 10.30
C PHE A 346 -10.60 4.40 9.91
N THR A 347 -11.00 4.71 8.68
CA THR A 347 -12.37 4.40 8.20
C THR A 347 -12.66 2.89 8.20
N ASN A 348 -11.67 2.07 7.87
CA ASN A 348 -11.85 0.62 7.92
C ASN A 348 -11.99 0.10 9.35
N MET A 349 -11.20 0.61 10.32
CA MET A 349 -11.37 0.25 11.75
C MET A 349 -12.79 0.58 12.21
N GLU A 350 -13.27 1.80 11.85
CA GLU A 350 -14.60 2.24 12.18
C GLU A 350 -15.66 1.27 11.58
N ALA A 351 -15.58 0.99 10.24
CA ALA A 351 -16.48 0.09 9.51
C ALA A 351 -16.49 -1.34 10.12
N GLN A 352 -15.32 -1.84 10.51
CA GLN A 352 -15.21 -3.17 11.11
C GLN A 352 -15.81 -3.23 12.51
N LEU A 353 -15.67 -2.15 13.29
CA LEU A 353 -16.31 -2.07 14.63
C LEU A 353 -17.85 -2.10 14.50
N VAL A 354 -18.40 -1.33 13.55
CA VAL A 354 -19.84 -1.31 13.23
C VAL A 354 -20.29 -2.70 12.82
N ARG A 355 -19.51 -3.39 11.97
CA ARG A 355 -19.92 -4.73 11.58
C ARG A 355 -19.90 -5.71 12.80
N GLN A 356 -18.91 -5.56 13.71
CA GLN A 356 -18.87 -6.36 14.96
C GLN A 356 -20.12 -6.11 15.82
N MET A 357 -20.52 -4.83 15.96
CA MET A 357 -21.71 -4.36 16.70
C MET A 357 -22.97 -5.02 16.13
N GLU A 358 -23.13 -5.00 14.79
CA GLU A 358 -24.24 -5.66 14.09
C GLU A 358 -24.22 -7.17 14.33
N GLY A 359 -23.04 -7.79 14.21
CA GLY A 359 -22.85 -9.21 14.50
C GLY A 359 -23.29 -9.61 15.89
N GLU A 360 -23.07 -8.74 16.89
CA GLU A 360 -23.44 -8.97 18.29
C GLU A 360 -24.92 -8.65 18.63
N GLY A 361 -25.66 -8.09 17.67
CA GLY A 361 -27.06 -7.74 17.87
C GLY A 361 -27.27 -6.40 18.53
N VAL A 362 -26.20 -5.59 18.61
CA VAL A 362 -26.24 -4.24 19.16
C VAL A 362 -26.98 -3.35 18.16
N LEU A 363 -26.78 -3.58 16.86
CA LEU A 363 -27.41 -2.82 15.78
C LEU A 363 -28.26 -3.73 14.96
N THR A 364 -29.53 -3.34 14.79
CA THR A 364 -30.52 -4.06 14.03
C THR A 364 -30.79 -3.28 12.73
N LYS A 365 -31.62 -3.86 11.85
CA LYS A 365 -32.06 -3.26 10.58
C LYS A 365 -32.86 -1.97 10.91
N ALA A 366 -33.81 -2.06 11.87
CA ALA A 366 -34.63 -0.92 12.33
C ALA A 366 -33.75 0.23 12.83
N ASP A 367 -32.64 -0.08 13.55
CA ASP A 367 -31.67 0.93 14.02
C ASP A 367 -30.98 1.71 12.88
N LEU A 368 -30.61 1.02 11.77
CA LEU A 368 -29.90 1.66 10.66
C LEU A 368 -30.79 2.60 9.88
N GLU A 369 -32.10 2.32 9.85
CA GLU A 369 -33.07 3.15 9.17
C GLU A 369 -33.48 4.31 10.05
N ASN A 370 -33.27 4.17 11.37
CA ASN A 370 -33.71 5.13 12.38
C ASN A 370 -32.98 6.47 12.38
N PRO A 371 -33.65 7.59 12.00
CA PRO A 371 -32.99 8.91 12.09
C PRO A 371 -32.83 9.40 13.53
N HIS A 372 -33.48 8.73 14.51
CA HIS A 372 -33.49 9.13 15.93
C HIS A 372 -32.99 7.99 16.81
N LEU A 373 -32.09 7.17 16.27
CA LEU A 373 -31.48 6.06 16.95
C LEU A 373 -30.81 6.53 18.27
N LEU A 374 -31.02 5.78 19.36
CA LEU A 374 -30.43 6.08 20.67
C LEU A 374 -28.96 5.77 20.69
N GLU A 375 -28.17 6.77 21.14
CA GLU A 375 -26.73 6.69 21.22
C GLU A 375 -26.26 5.77 22.34
N LYS A 376 -26.96 5.80 23.48
CA LYS A 376 -26.66 5.05 24.71
C LYS A 376 -26.04 3.65 24.50
N LYS A 377 -26.71 2.75 23.75
CA LYS A 377 -26.22 1.37 23.56
C LYS A 377 -24.97 1.28 22.71
N ILE A 378 -24.73 2.25 21.79
CA ILE A 378 -23.53 2.30 20.95
C ILE A 378 -22.35 2.72 21.84
N THR A 379 -22.51 3.86 22.54
CA THR A 379 -21.54 4.40 23.50
C THR A 379 -21.18 3.36 24.55
N GLN A 380 -22.19 2.68 25.13
CA GLN A 380 -22.02 1.64 26.16
C GLN A 380 -21.14 0.50 25.64
N TRP A 381 -21.42 0.04 24.40
CA TRP A 381 -20.68 -1.02 23.74
C TRP A 381 -19.26 -0.58 23.44
N LEU A 382 -19.07 0.68 22.95
CA LEU A 382 -17.74 1.23 22.67
C LEU A 382 -16.89 1.39 23.94
N GLU A 383 -17.46 1.98 25.01
CA GLU A 383 -16.78 2.23 26.30
C GLU A 383 -16.41 0.95 27.07
N THR A 384 -17.19 -0.13 26.96
CA THR A 384 -16.91 -1.36 27.70
C THR A 384 -16.20 -2.44 26.86
N LYS A 385 -16.45 -2.48 25.52
CA LYS A 385 -15.92 -3.54 24.64
C LYS A 385 -15.03 -3.10 23.47
N GLY A 386 -15.11 -1.84 23.04
CA GLY A 386 -14.40 -1.26 21.91
C GLY A 386 -12.94 -1.63 21.73
N VAL A 387 -12.12 -1.42 22.79
CA VAL A 387 -10.69 -1.72 22.75
C VAL A 387 -10.46 -3.22 22.60
N GLU A 388 -11.23 -4.05 23.33
CA GLU A 388 -11.13 -5.51 23.23
C GLU A 388 -11.47 -5.92 21.77
N ARG A 389 -12.50 -5.30 21.18
CA ARG A 389 -12.93 -5.55 19.78
C ARG A 389 -11.89 -5.08 18.74
N LEU A 390 -11.16 -4.00 19.04
CA LEU A 390 -10.09 -3.52 18.14
C LEU A 390 -8.89 -4.50 18.07
N LYS A 391 -8.57 -5.16 19.22
CA LYS A 391 -7.46 -6.11 19.37
C LYS A 391 -7.65 -7.41 18.59
N ARG A 392 -8.93 -7.73 18.22
CA ARG A 392 -9.37 -8.88 17.44
C ARG A 392 -9.15 -8.63 15.96
N MET A 393 -8.59 -7.45 15.60
CA MET A 393 -8.42 -7.08 14.17
C MET A 393 -7.02 -6.70 13.81
N ALA A 394 -6.68 -6.86 12.52
CA ALA A 394 -5.43 -6.44 11.90
C ALA A 394 -5.90 -5.63 10.68
N ILE A 395 -5.61 -4.32 10.67
CA ILE A 395 -6.12 -3.42 9.60
C ILE A 395 -5.01 -2.56 9.02
N SER A 396 -4.88 -2.64 7.68
CA SER A 396 -3.89 -1.92 6.89
C SER A 396 -4.63 -1.30 5.70
N GLY A 397 -5.01 -0.04 5.82
CA GLY A 397 -5.81 0.63 4.78
C GLY A 397 -7.10 -0.14 4.56
N ASP A 398 -7.37 -0.57 3.30
CA ASP A 398 -8.57 -1.39 2.96
C ASP A 398 -8.44 -2.90 3.33
N ASP A 399 -7.25 -3.34 3.79
CA ASP A 399 -7.02 -4.73 4.19
C ASP A 399 -7.36 -4.96 5.64
N CYS A 400 -8.23 -5.91 5.90
CA CYS A 400 -8.66 -6.23 7.25
C CYS A 400 -8.73 -7.72 7.48
N VAL A 401 -8.57 -8.10 8.74
CA VAL A 401 -8.72 -9.45 9.29
C VAL A 401 -9.44 -9.21 10.61
N VAL A 402 -10.58 -9.90 10.82
CA VAL A 402 -11.37 -9.72 12.04
C VAL A 402 -11.70 -11.09 12.59
N LYS A 403 -11.49 -11.30 13.90
CA LYS A 403 -11.91 -12.51 14.59
C LYS A 403 -13.01 -12.04 15.58
N PRO A 404 -14.28 -12.07 15.13
CA PRO A 404 -15.39 -11.62 16.01
C PRO A 404 -15.62 -12.61 17.15
N ILE A 405 -16.50 -12.28 18.11
CA ILE A 405 -16.74 -13.11 19.29
C ILE A 405 -17.47 -14.44 18.97
N ASP A 406 -18.13 -14.51 17.79
CA ASP A 406 -18.83 -15.70 17.27
C ASP A 406 -19.03 -15.46 15.76
N ASP A 407 -19.65 -16.43 15.03
CA ASP A 407 -19.80 -16.32 13.59
C ASP A 407 -21.11 -15.67 13.13
N ARG A 408 -21.84 -14.92 14.00
CA ARG A 408 -23.02 -14.18 13.52
C ARG A 408 -22.53 -13.09 12.57
N PHE A 409 -21.25 -12.65 12.75
CA PHE A 409 -20.53 -11.66 11.92
C PHE A 409 -20.58 -11.97 10.41
N ALA A 410 -20.49 -13.25 10.02
CA ALA A 410 -20.54 -13.68 8.61
C ALA A 410 -21.76 -13.12 7.87
N ASN A 411 -22.91 -13.10 8.57
CA ASN A 411 -24.20 -12.67 8.07
C ASN A 411 -24.57 -11.23 8.48
N ALA A 412 -23.67 -10.53 9.19
CA ALA A 412 -23.88 -9.15 9.63
C ALA A 412 -23.43 -8.25 8.47
N LEU A 413 -24.32 -8.03 7.47
CA LEU A 413 -24.03 -7.29 6.23
C LEU A 413 -24.81 -6.02 5.98
N LEU A 414 -25.89 -5.80 6.71
CA LEU A 414 -26.73 -4.61 6.52
C LEU A 414 -25.92 -3.31 6.61
N ALA A 415 -25.12 -3.15 7.67
CA ALA A 415 -24.35 -1.93 7.87
C ALA A 415 -23.18 -1.83 6.91
N LEU A 416 -22.42 -2.93 6.71
CA LEU A 416 -21.27 -2.95 5.79
C LEU A 416 -21.66 -2.52 4.37
N ASN A 417 -22.77 -3.07 3.87
CA ASN A 417 -23.27 -2.73 2.53
C ASN A 417 -23.80 -1.33 2.56
N ASP A 418 -24.48 -0.95 3.64
CA ASP A 418 -25.05 0.39 3.75
C ASP A 418 -24.00 1.49 3.80
N MET A 419 -22.90 1.27 4.52
CA MET A 419 -21.77 2.21 4.62
C MET A 419 -21.06 2.39 3.26
N GLY A 420 -21.38 1.51 2.30
CA GLY A 420 -20.86 1.53 0.95
C GLY A 420 -19.71 0.56 0.72
N LYS A 421 -19.28 -0.14 1.78
CA LYS A 421 -18.14 -1.04 1.67
C LYS A 421 -18.57 -2.46 1.21
N VAL A 422 -19.10 -2.49 -0.02
CA VAL A 422 -19.60 -3.69 -0.70
C VAL A 422 -18.41 -4.60 -1.01
N ARG A 423 -18.47 -5.85 -0.54
CA ARG A 423 -17.42 -6.85 -0.69
C ARG A 423 -17.26 -7.26 -2.16
N LYS A 424 -16.00 -7.53 -2.55
CA LYS A 424 -15.60 -7.93 -3.89
C LYS A 424 -16.05 -9.33 -4.25
N ASP A 425 -16.57 -9.50 -5.49
CA ASP A 425 -16.94 -10.76 -6.18
C ASP A 425 -17.81 -11.73 -5.37
N ILE A 426 -18.89 -11.23 -4.80
CA ILE A 426 -19.81 -12.05 -3.99
C ILE A 426 -21.14 -11.32 -4.00
N PRO A 427 -22.32 -12.00 -4.07
CA PRO A 427 -23.59 -11.25 -4.00
C PRO A 427 -23.63 -10.43 -2.70
N GLN A 428 -24.17 -9.21 -2.73
CA GLN A 428 -24.27 -8.34 -1.55
C GLN A 428 -24.68 -9.09 -0.27
N TRP A 429 -25.63 -10.06 -0.37
CA TRP A 429 -26.22 -10.72 0.79
C TRP A 429 -25.79 -12.15 1.03
N GLN A 430 -24.78 -12.66 0.30
CA GLN A 430 -24.24 -13.99 0.60
C GLN A 430 -23.37 -13.88 1.90
N PRO A 431 -23.56 -14.74 2.93
CA PRO A 431 -22.70 -14.66 4.13
C PRO A 431 -21.22 -14.77 3.79
N SER A 432 -20.37 -14.08 4.55
CA SER A 432 -18.91 -14.13 4.37
C SER A 432 -18.42 -15.51 4.80
N LYS A 433 -17.26 -15.91 4.28
CA LYS A 433 -16.68 -17.17 4.67
C LYS A 433 -15.40 -16.86 5.45
N GLY A 434 -15.33 -17.38 6.65
CA GLY A 434 -14.17 -17.24 7.51
C GLY A 434 -13.17 -18.37 7.36
N TRP A 435 -12.04 -18.23 8.04
CA TRP A 435 -10.95 -19.21 8.09
C TRP A 435 -10.77 -19.68 9.49
N HIS A 436 -10.63 -20.99 9.66
CA HIS A 436 -10.41 -21.60 10.96
C HIS A 436 -8.93 -21.80 11.23
N ASP A 437 -8.08 -21.45 10.26
CA ASP A 437 -6.61 -21.52 10.40
C ASP A 437 -6.05 -20.17 9.95
N TRP A 438 -5.37 -19.48 10.88
CA TRP A 438 -4.75 -18.16 10.62
C TRP A 438 -3.74 -18.24 9.46
N GLN A 439 -3.16 -19.43 9.22
CA GLN A 439 -2.21 -19.64 8.11
C GLN A 439 -2.88 -19.60 6.74
N GLN A 440 -4.19 -19.78 6.70
CA GLN A 440 -4.90 -19.74 5.42
C GLN A 440 -5.43 -18.35 5.14
N VAL A 441 -5.39 -17.45 6.15
CA VAL A 441 -5.91 -16.09 6.04
C VAL A 441 -5.10 -15.19 5.08
N PRO A 442 -5.74 -14.61 4.03
CA PRO A 442 -5.04 -13.64 3.18
C PRO A 442 -4.99 -12.26 3.84
N PHE A 443 -3.85 -11.58 3.74
CA PHE A 443 -3.66 -10.24 4.30
C PHE A 443 -2.48 -9.59 3.63
N CYS A 444 -2.69 -8.37 3.06
CA CYS A 444 -1.64 -7.58 2.42
C CYS A 444 -0.91 -8.39 1.33
N SER A 445 -1.68 -8.99 0.38
CA SER A 445 -1.15 -9.79 -0.74
C SER A 445 -0.39 -11.05 -0.32
N HIS A 446 -0.46 -11.40 0.98
CA HIS A 446 0.27 -12.56 1.49
C HIS A 446 -0.59 -13.48 2.35
N HIS A 447 -0.01 -14.63 2.70
CA HIS A 447 -0.48 -15.59 3.70
C HIS A 447 0.80 -15.94 4.53
N PHE A 448 0.64 -16.64 5.64
CA PHE A 448 1.79 -16.81 6.54
C PHE A 448 1.90 -18.19 7.05
N HIS A 449 3.12 -18.73 7.02
CA HIS A 449 3.35 -20.09 7.47
C HIS A 449 4.13 -20.14 8.76
N GLU A 450 3.78 -21.07 9.64
CA GLU A 450 4.54 -21.36 10.83
C GLU A 450 5.54 -22.48 10.46
N LEU A 451 6.86 -22.21 10.57
CA LEU A 451 7.97 -23.14 10.25
C LEU A 451 8.65 -23.58 11.52
N ILE A 452 9.08 -24.84 11.57
CA ILE A 452 9.85 -25.34 12.71
C ILE A 452 11.29 -25.48 12.23
N MET A 453 12.23 -24.84 12.93
CA MET A 453 13.65 -24.91 12.59
C MET A 453 14.21 -26.24 13.10
N LYS A 454 15.35 -26.69 12.52
CA LYS A 454 16.07 -27.91 12.93
C LYS A 454 16.34 -27.90 14.44
N ASP A 455 16.67 -26.70 15.01
CA ASP A 455 16.94 -26.54 16.45
C ASP A 455 15.68 -26.52 17.32
N GLY A 456 14.51 -26.72 16.68
CA GLY A 456 13.21 -26.75 17.36
C GLY A 456 12.49 -25.43 17.53
N ARG A 457 13.15 -24.30 17.24
CA ARG A 457 12.47 -23.01 17.38
C ARG A 457 11.50 -22.79 16.22
N LYS A 458 10.42 -22.05 16.46
CA LYS A 458 9.44 -21.81 15.40
C LYS A 458 9.61 -20.44 14.82
N LEU A 459 9.36 -20.29 13.52
CA LEU A 459 9.31 -19.01 12.79
C LEU A 459 7.92 -18.86 12.17
N VAL A 460 7.46 -17.63 11.97
CA VAL A 460 6.23 -17.32 11.26
C VAL A 460 6.66 -16.42 10.13
N VAL A 461 6.53 -16.92 8.89
CA VAL A 461 7.04 -16.26 7.68
C VAL A 461 5.98 -15.80 6.70
N PRO A 462 6.28 -14.73 5.90
CA PRO A 462 5.37 -14.33 4.83
C PRO A 462 5.52 -15.19 3.56
N CYS A 463 4.41 -15.40 2.85
CA CYS A 463 4.48 -16.19 1.63
C CYS A 463 3.40 -15.70 0.64
N ARG A 464 3.55 -16.02 -0.63
CA ARG A 464 2.60 -15.72 -1.70
C ARG A 464 2.90 -16.64 -2.88
N PRO A 465 2.03 -16.75 -3.94
CA PRO A 465 2.36 -17.65 -5.08
C PRO A 465 3.67 -17.22 -5.69
N GLN A 466 4.59 -18.19 -5.93
CA GLN A 466 5.93 -17.89 -6.40
C GLN A 466 6.01 -17.16 -7.77
N ASP A 467 5.01 -17.36 -8.63
CA ASP A 467 5.01 -16.70 -9.96
C ASP A 467 4.92 -15.20 -9.83
N GLU A 468 4.14 -14.71 -8.85
CA GLU A 468 4.03 -13.28 -8.55
C GLU A 468 5.38 -12.73 -8.07
N LEU A 469 6.15 -13.52 -7.33
CA LEU A 469 7.45 -13.09 -6.81
C LEU A 469 8.51 -13.00 -7.90
N ILE A 470 8.65 -14.09 -8.70
CA ILE A 470 9.56 -14.21 -9.84
C ILE A 470 9.17 -13.21 -10.97
N GLY A 471 7.87 -13.12 -11.28
CA GLY A 471 7.33 -12.22 -12.29
C GLY A 471 7.61 -10.76 -12.04
N ARG A 472 7.61 -10.33 -10.76
CA ARG A 472 7.91 -8.94 -10.38
C ARG A 472 9.42 -8.70 -10.51
N ALA A 473 10.23 -9.65 -9.99
CA ALA A 473 11.70 -9.58 -10.00
C ALA A 473 12.24 -9.47 -11.43
N ARG A 474 11.55 -10.06 -12.40
CA ARG A 474 11.95 -10.03 -13.80
C ARG A 474 11.65 -8.73 -14.55
N ILE A 475 10.97 -7.78 -13.90
CA ILE A 475 10.64 -6.47 -14.47
C ILE A 475 11.54 -5.37 -13.87
N SER A 476 12.07 -4.51 -14.74
CA SER A 476 12.89 -3.36 -14.36
C SER A 476 12.00 -2.13 -14.60
N GLN A 477 11.79 -1.31 -13.56
CA GLN A 477 10.92 -0.12 -13.62
C GLN A 477 11.48 1.02 -14.48
N GLY A 478 10.83 1.22 -15.64
CA GLY A 478 11.20 2.24 -16.61
C GLY A 478 11.94 1.70 -17.82
N ALA A 479 12.84 2.52 -18.38
CA ALA A 479 13.69 2.19 -19.54
C ALA A 479 15.00 2.98 -19.49
N GLY A 480 15.93 2.68 -20.41
CA GLY A 480 17.22 3.33 -20.52
C GLY A 480 18.14 3.05 -19.34
N TRP A 481 18.21 1.76 -18.96
CA TRP A 481 19.00 1.28 -17.83
C TRP A 481 20.20 0.44 -18.26
N SER A 482 21.38 0.80 -17.73
CA SER A 482 22.64 0.10 -17.97
C SER A 482 22.57 -1.30 -17.36
N LEU A 483 23.47 -2.22 -17.77
CA LEU A 483 23.52 -3.56 -17.19
C LEU A 483 23.86 -3.43 -15.67
N ARG A 484 24.63 -2.38 -15.29
CA ARG A 484 25.01 -2.09 -13.91
C ARG A 484 23.80 -1.88 -12.99
N GLU A 485 22.88 -0.97 -13.37
CA GLU A 485 21.65 -0.66 -12.62
C GLU A 485 20.73 -1.86 -12.56
N THR A 486 20.60 -2.58 -13.70
CA THR A 486 19.81 -3.80 -13.90
C THR A 486 20.29 -4.94 -12.99
N ALA A 487 21.61 -5.16 -12.93
CA ALA A 487 22.24 -6.16 -12.07
C ALA A 487 22.02 -5.81 -10.57
N CYS A 488 22.07 -4.51 -10.23
CA CYS A 488 21.88 -4.06 -8.84
C CYS A 488 20.43 -4.19 -8.37
N LEU A 489 19.44 -3.92 -9.28
CA LEU A 489 18.02 -4.11 -8.95
C LEU A 489 17.75 -5.61 -8.76
N GLY A 490 18.39 -6.44 -9.59
CA GLY A 490 18.35 -7.90 -9.54
C GLY A 490 18.86 -8.40 -8.21
N LYS A 491 19.99 -7.84 -7.76
CA LYS A 491 20.62 -8.13 -6.46
C LYS A 491 19.69 -7.70 -5.34
N ALA A 492 19.01 -6.54 -5.50
CA ALA A 492 18.03 -6.07 -4.52
C ALA A 492 16.91 -7.11 -4.32
N TYR A 493 16.33 -7.61 -5.45
CA TYR A 493 15.28 -8.62 -5.40
C TYR A 493 15.74 -9.92 -4.80
N ALA A 494 16.98 -10.33 -5.10
CA ALA A 494 17.56 -11.59 -4.62
C ALA A 494 17.79 -11.47 -3.11
N GLN A 495 18.27 -10.30 -2.68
CA GLN A 495 18.46 -10.11 -1.24
C GLN A 495 17.15 -9.97 -0.49
N MET A 496 16.07 -9.45 -1.16
CA MET A 496 14.73 -9.36 -0.52
C MET A 496 14.18 -10.77 -0.25
N TRP A 497 14.37 -11.68 -1.23
CA TRP A 497 13.97 -13.08 -1.16
C TRP A 497 14.74 -13.79 -0.07
N SER A 498 16.05 -13.45 0.08
CA SER A 498 16.92 -14.00 1.14
C SER A 498 16.35 -13.73 2.51
N LEU A 499 15.76 -12.54 2.70
CA LEU A 499 15.23 -12.12 3.99
CA LEU A 499 15.22 -12.10 3.99
C LEU A 499 13.77 -12.46 4.23
N MET A 500 12.92 -12.40 3.21
CA MET A 500 11.48 -12.66 3.40
C MET A 500 11.00 -13.99 2.93
N TYR A 501 11.57 -14.46 1.83
CA TYR A 501 11.09 -15.66 1.13
C TYR A 501 12.16 -16.74 0.95
N PHE A 502 13.12 -16.81 1.90
CA PHE A 502 14.24 -17.79 1.97
C PHE A 502 13.70 -19.22 2.11
N HIS A 503 12.45 -19.35 2.60
CA HIS A 503 11.84 -20.64 2.86
C HIS A 503 11.30 -21.31 1.59
N ARG A 504 11.42 -20.62 0.43
CA ARG A 504 10.99 -21.10 -0.89
C ARG A 504 12.25 -21.61 -1.58
N ARG A 505 12.33 -22.91 -1.82
CA ARG A 505 13.53 -23.55 -2.46
C ARG A 505 14.01 -22.87 -3.71
N ASP A 506 13.09 -22.54 -4.65
CA ASP A 506 13.44 -21.91 -5.93
C ASP A 506 14.01 -20.54 -5.76
N LEU A 507 13.43 -19.75 -4.84
CA LEU A 507 13.85 -18.40 -4.53
C LEU A 507 15.17 -18.40 -3.83
N ARG A 508 15.45 -19.39 -2.95
CA ARG A 508 16.78 -19.44 -2.32
C ARG A 508 17.87 -19.73 -3.36
N LEU A 509 17.63 -20.69 -4.28
CA LEU A 509 18.53 -21.05 -5.36
C LEU A 509 18.76 -19.85 -6.30
N ALA A 510 17.67 -19.22 -6.80
CA ALA A 510 17.78 -18.07 -7.71
C ALA A 510 18.51 -16.90 -7.07
N SER A 511 18.24 -16.65 -5.77
CA SER A 511 18.84 -15.57 -4.97
C SER A 511 20.37 -15.79 -4.89
N ASN A 512 20.79 -16.99 -4.57
CA ASN A 512 22.22 -17.32 -4.54
C ASN A 512 22.87 -17.20 -5.90
N ALA A 513 22.15 -17.60 -6.98
CA ALA A 513 22.63 -17.45 -8.37
C ALA A 513 22.81 -15.98 -8.77
N ILE A 514 21.82 -15.12 -8.44
CA ILE A 514 21.88 -13.68 -8.76
C ILE A 514 23.03 -13.00 -8.02
N CYS A 515 23.20 -13.30 -6.73
CA CYS A 515 24.26 -12.71 -5.93
C CYS A 515 25.65 -13.22 -6.33
N SER A 516 25.73 -14.45 -6.90
CA SER A 516 26.96 -15.00 -7.44
C SER A 516 27.34 -14.33 -8.77
N ALA A 517 26.34 -13.87 -9.52
CA ALA A 517 26.51 -13.26 -10.84
C ALA A 517 26.75 -11.77 -10.80
N VAL A 518 26.36 -11.11 -9.69
CA VAL A 518 26.50 -9.66 -9.54
C VAL A 518 27.76 -9.33 -8.73
N PRO A 519 28.63 -8.38 -9.11
CA PRO A 519 29.82 -8.10 -8.29
C PRO A 519 29.43 -7.74 -6.85
N VAL A 520 30.14 -8.36 -5.86
CA VAL A 520 29.93 -8.22 -4.39
C VAL A 520 29.79 -6.81 -3.85
N HIS A 521 30.57 -5.87 -4.38
CA HIS A 521 30.68 -4.50 -3.91
C HIS A 521 29.65 -3.57 -4.52
N TRP A 522 28.91 -4.04 -5.54
CA TRP A 522 27.85 -3.25 -6.16
C TRP A 522 26.68 -3.20 -5.17
N VAL A 523 26.29 -1.98 -4.82
CA VAL A 523 25.23 -1.72 -3.84
C VAL A 523 23.88 -1.84 -4.52
N PRO A 524 22.94 -2.66 -4.00
CA PRO A 524 21.59 -2.70 -4.60
C PRO A 524 21.03 -1.27 -4.64
N THR A 525 20.65 -0.85 -5.84
CA THR A 525 20.07 0.47 -6.09
C THR A 525 18.62 0.24 -6.50
N SER A 526 17.79 1.29 -6.41
CA SER A 526 16.37 1.29 -6.71
C SER A 526 15.60 0.28 -5.85
N ARG A 527 14.39 0.63 -5.48
CA ARG A 527 13.55 -0.19 -4.63
C ARG A 527 12.91 -1.36 -5.36
N THR A 528 12.68 -2.44 -4.62
CA THR A 528 12.03 -3.64 -5.13
C THR A 528 10.51 -3.49 -4.99
N THR A 529 10.08 -2.65 -4.04
CA THR A 529 8.68 -2.42 -3.68
C THR A 529 8.46 -1.06 -3.02
N TRP A 530 7.23 -0.52 -3.17
CA TRP A 530 6.77 0.73 -2.54
C TRP A 530 5.89 0.42 -1.32
N SER A 531 5.69 -0.87 -0.99
CA SER A 531 4.88 -1.33 0.14
C SER A 531 5.20 -0.58 1.43
N ILE A 532 4.16 -0.19 2.19
CA ILE A 532 4.37 0.48 3.46
C ILE A 532 4.89 -0.54 4.49
N HIS A 533 4.81 -1.87 4.16
CA HIS A 533 5.29 -2.96 5.02
C HIS A 533 6.76 -3.30 4.75
N ALA A 534 7.41 -2.58 3.83
CA ALA A 534 8.81 -2.81 3.45
C ALA A 534 9.74 -1.95 4.27
N HIS A 535 10.75 -2.56 4.88
CA HIS A 535 11.74 -1.82 5.65
C HIS A 535 13.10 -1.83 4.94
N HIS A 536 13.15 -2.48 3.78
CA HIS A 536 14.28 -2.52 2.84
C HIS A 536 15.62 -2.92 3.48
N GLN A 537 15.60 -3.90 4.39
CA GLN A 537 16.80 -4.40 5.10
C GLN A 537 17.80 -5.04 4.13
N TRP A 538 17.35 -5.41 2.92
CA TRP A 538 18.12 -6.04 1.84
C TRP A 538 18.91 -5.02 0.98
N MET A 539 18.69 -3.71 1.20
CA MET A 539 19.38 -2.65 0.44
C MET A 539 20.71 -2.34 1.14
N THR A 540 21.62 -3.32 1.10
CA THR A 540 22.92 -3.29 1.76
C THR A 540 23.90 -4.27 1.10
N THR A 541 25.20 -4.15 1.39
CA THR A 541 26.24 -5.04 0.88
C THR A 541 26.72 -5.92 2.03
N GLU A 542 26.09 -5.73 3.20
CA GLU A 542 26.32 -6.48 4.43
C GLU A 542 25.84 -7.91 4.19
N ASP A 543 26.49 -8.90 4.85
CA ASP A 543 26.18 -10.33 4.74
C ASP A 543 24.70 -10.59 5.08
N MET A 544 23.95 -11.21 4.16
CA MET A 544 22.51 -11.46 4.29
C MET A 544 22.14 -12.43 5.42
N LEU A 545 23.03 -13.35 5.80
CA LEU A 545 22.80 -14.24 6.95
C LEU A 545 22.87 -13.43 8.25
N THR A 546 23.74 -12.39 8.28
CA THR A 546 23.89 -11.49 9.44
C THR A 546 22.59 -10.72 9.59
N VAL A 547 22.07 -10.20 8.46
CA VAL A 547 20.83 -9.44 8.40
C VAL A 547 19.63 -10.34 8.77
N TRP A 548 19.60 -11.58 8.27
CA TRP A 548 18.55 -12.56 8.56
C TRP A 548 18.47 -12.78 10.07
N ASN A 549 19.63 -13.00 10.70
CA ASN A 549 19.78 -13.18 12.15
C ASN A 549 19.25 -12.02 12.95
N ARG A 550 19.52 -10.82 12.49
CA ARG A 550 19.05 -9.59 13.13
C ARG A 550 17.53 -9.47 13.06
N VAL A 551 16.93 -9.74 11.87
CA VAL A 551 15.47 -9.64 11.67
C VAL A 551 14.69 -10.79 12.34
N TRP A 552 15.13 -12.03 12.13
CA TRP A 552 14.40 -13.21 12.58
C TRP A 552 14.75 -13.69 13.95
N ILE A 553 15.93 -13.34 14.46
CA ILE A 553 16.35 -13.80 15.80
C ILE A 553 16.45 -12.64 16.80
N GLU A 554 17.47 -11.79 16.64
CA GLU A 554 17.80 -10.66 17.51
C GLU A 554 16.68 -9.71 17.85
N GLU A 555 16.09 -9.08 16.85
CA GLU A 555 15.05 -8.06 17.01
C GLU A 555 13.63 -8.57 16.96
N ASN A 556 13.48 -9.90 16.83
CA ASN A 556 12.18 -10.56 16.76
C ASN A 556 11.55 -10.73 18.16
N PRO A 557 10.48 -9.95 18.54
CA PRO A 557 9.88 -10.10 19.88
C PRO A 557 9.25 -11.47 20.15
N TRP A 558 8.93 -12.22 19.10
CA TRP A 558 8.37 -13.55 19.21
C TRP A 558 9.45 -14.64 19.22
N MET A 559 10.74 -14.26 19.19
CA MET A 559 11.83 -15.24 19.29
C MET A 559 12.46 -15.08 20.71
N GLU A 560 12.07 -15.97 21.64
CA GLU A 560 12.56 -15.94 23.03
C GLU A 560 14.04 -16.35 23.12
N ASP A 561 14.44 -17.38 22.36
CA ASP A 561 15.82 -17.86 22.34
C ASP A 561 16.57 -17.13 21.23
N LYS A 562 17.55 -16.32 21.66
CA LYS A 562 18.38 -15.47 20.78
C LYS A 562 19.63 -16.14 20.24
N THR A 563 19.75 -17.47 20.33
CA THR A 563 20.91 -18.19 19.79
C THR A 563 20.97 -17.88 18.29
N PRO A 564 22.13 -17.46 17.74
CA PRO A 564 22.16 -17.17 16.30
C PRO A 564 22.22 -18.42 15.43
N VAL A 565 21.81 -18.26 14.14
CA VAL A 565 21.86 -19.27 13.08
C VAL A 565 23.17 -18.93 12.36
N THR A 566 24.12 -19.86 12.42
CA THR A 566 25.48 -19.63 11.91
C THR A 566 25.65 -20.02 10.44
N THR A 567 24.67 -20.73 9.88
CA THR A 567 24.70 -21.23 8.51
C THR A 567 23.30 -21.21 7.86
N TRP A 568 23.24 -20.84 6.55
CA TRP A 568 22.04 -20.86 5.71
C TRP A 568 21.40 -22.26 5.72
N GLU A 569 22.20 -23.30 5.97
CA GLU A 569 21.75 -24.70 6.08
C GLU A 569 20.83 -24.89 7.29
N ASN A 570 20.87 -23.96 8.24
CA ASN A 570 20.04 -23.97 9.44
C ASN A 570 18.84 -23.04 9.34
N VAL A 571 18.74 -22.26 8.23
CA VAL A 571 17.61 -21.37 7.92
C VAL A 571 16.59 -22.31 7.27
N PRO A 572 15.37 -22.45 7.84
CA PRO A 572 14.45 -23.46 7.30
C PRO A 572 13.73 -23.15 5.97
N TYR A 573 13.21 -24.20 5.36
CA TYR A 573 12.41 -24.13 4.16
C TYR A 573 11.00 -24.49 4.59
N LEU A 574 9.99 -24.12 3.77
CA LEU A 574 8.62 -24.61 3.95
C LEU A 574 8.75 -26.12 3.72
N GLY A 575 7.79 -26.93 4.19
CA GLY A 575 7.82 -28.36 3.85
C GLY A 575 7.69 -28.48 2.33
N LYS A 576 8.25 -29.55 1.69
CA LYS A 576 8.22 -29.68 0.22
C LYS A 576 6.83 -29.48 -0.38
N ARG A 577 5.83 -30.13 0.21
CA ARG A 577 4.41 -30.10 -0.13
C ARG A 577 3.84 -28.67 -0.19
N GLU A 578 4.07 -27.85 0.87
CA GLU A 578 3.59 -26.47 0.96
C GLU A 578 4.33 -25.61 -0.03
N ASP A 579 5.64 -25.90 -0.23
CA ASP A 579 6.44 -25.16 -1.19
C ASP A 579 5.79 -25.39 -2.56
N GLN A 580 5.42 -26.64 -2.88
CA GLN A 580 4.74 -26.99 -4.14
C GLN A 580 3.35 -26.37 -4.21
N TRP A 581 2.54 -26.46 -3.14
CA TRP A 581 1.20 -25.85 -3.11
C TRP A 581 1.26 -24.32 -3.40
N CYS A 582 2.38 -23.67 -3.06
CA CYS A 582 2.58 -22.24 -3.26
C CYS A 582 3.38 -21.86 -4.52
N GLY A 583 3.39 -22.75 -5.51
CA GLY A 583 4.00 -22.49 -6.82
C GLY A 583 5.39 -23.02 -7.10
N SER A 584 6.00 -23.80 -6.17
CA SER A 584 7.35 -24.30 -6.44
C SER A 584 7.42 -25.27 -7.64
N LEU A 585 8.52 -25.19 -8.43
CA LEU A 585 8.78 -26.11 -9.55
C LEU A 585 9.62 -27.30 -9.13
N ILE A 586 9.91 -27.46 -7.81
CA ILE A 586 10.68 -28.61 -7.30
C ILE A 586 9.95 -29.90 -7.68
N GLY A 587 10.69 -30.90 -8.15
CA GLY A 587 10.14 -32.17 -8.60
C GLY A 587 10.06 -32.24 -10.13
N LEU A 588 10.05 -31.07 -10.80
CA LEU A 588 10.02 -30.98 -12.25
C LEU A 588 11.47 -31.10 -12.81
N THR A 589 11.60 -31.75 -13.98
CA THR A 589 12.84 -32.01 -14.69
C THR A 589 13.46 -30.71 -15.13
N SER A 590 12.65 -29.78 -15.68
CA SER A 590 13.09 -28.46 -16.14
C SER A 590 13.79 -27.73 -15.01
N ARG A 591 13.24 -27.87 -13.79
CA ARG A 591 13.79 -27.26 -12.59
C ARG A 591 15.11 -27.91 -12.19
N ALA A 592 15.19 -29.25 -12.23
CA ALA A 592 16.41 -30.02 -11.90
C ALA A 592 17.53 -29.73 -12.89
N THR A 593 17.18 -29.51 -14.16
CA THR A 593 18.10 -29.15 -15.24
C THR A 593 18.64 -27.72 -15.01
N TRP A 594 17.76 -26.80 -14.59
CA TRP A 594 18.10 -25.42 -14.30
C TRP A 594 19.07 -25.36 -13.12
N ALA A 595 18.76 -26.07 -12.05
CA ALA A 595 19.53 -26.15 -10.80
C ALA A 595 20.91 -26.75 -11.04
N GLN A 596 20.97 -27.79 -11.85
CA GLN A 596 22.22 -28.48 -12.18
C GLN A 596 23.13 -27.64 -13.07
N ASN A 597 22.53 -26.82 -13.93
CA ASN A 597 23.26 -26.02 -14.91
C ASN A 597 23.34 -24.51 -14.60
N ILE A 598 22.85 -24.09 -13.40
CA ILE A 598 22.91 -22.69 -12.96
C ILE A 598 24.38 -22.14 -12.94
N PRO A 599 25.49 -22.87 -12.55
CA PRO A 599 26.83 -22.22 -12.59
C PRO A 599 27.23 -21.68 -13.97
N THR A 600 26.74 -22.30 -15.05
CA THR A 600 26.98 -21.90 -16.44
C THR A 600 26.30 -20.56 -16.73
N ALA A 601 24.99 -20.44 -16.42
CA ALA A 601 24.22 -19.20 -16.56
C ALA A 601 24.86 -18.07 -15.72
N ILE A 602 25.29 -18.35 -14.46
CA ILE A 602 26.00 -17.35 -13.60
C ILE A 602 27.25 -16.83 -14.32
N GLN A 603 28.08 -17.77 -14.84
CA GLN A 603 29.32 -17.48 -15.55
C GLN A 603 29.06 -16.68 -16.80
N GLN A 604 27.90 -16.89 -17.48
CA GLN A 604 27.55 -16.10 -18.65
C GLN A 604 27.29 -14.64 -18.29
N VAL A 605 26.53 -14.39 -17.20
CA VAL A 605 26.26 -13.02 -16.69
C VAL A 605 27.58 -12.33 -16.30
N ARG A 606 28.45 -13.05 -15.57
CA ARG A 606 29.77 -12.59 -15.14
C ARG A 606 30.64 -12.15 -16.30
N SER A 607 30.69 -12.97 -17.38
CA SER A 607 31.51 -12.67 -18.55
C SER A 607 30.99 -11.42 -19.26
N LEU A 608 29.66 -11.19 -19.24
CA LEU A 608 29.08 -9.97 -19.81
C LEU A 608 29.25 -8.76 -18.91
N ILE A 609 29.19 -8.93 -17.58
CA ILE A 609 29.41 -7.81 -16.64
C ILE A 609 30.88 -7.39 -16.74
N GLY A 610 31.79 -8.35 -16.74
CA GLY A 610 33.19 -8.05 -16.95
C GLY A 610 34.13 -8.39 -15.84
N ASN A 611 35.28 -7.68 -15.82
CA ASN A 611 36.33 -7.92 -14.87
C ASN A 611 36.09 -7.16 -13.58
N GLU A 612 35.30 -7.82 -12.73
CA GLU A 612 34.89 -7.36 -11.42
C GLU A 612 35.16 -8.48 -10.46
N GLU A 613 35.03 -8.19 -9.16
CA GLU A 613 35.19 -9.16 -8.10
C GLU A 613 33.81 -9.81 -7.84
N PHE A 614 33.75 -11.14 -7.86
CA PHE A 614 32.52 -11.89 -7.65
C PHE A 614 32.70 -12.88 -6.53
N LEU A 615 31.63 -13.13 -5.77
CA LEU A 615 31.67 -14.17 -4.74
C LEU A 615 30.75 -15.27 -5.19
N ASP A 616 31.16 -16.52 -4.93
CA ASP A 616 30.31 -17.63 -5.26
C ASP A 616 29.48 -17.95 -4.04
N TYR A 617 28.19 -17.58 -4.09
CA TYR A 617 27.25 -17.82 -2.99
C TYR A 617 26.59 -19.17 -3.07
N MET A 618 26.85 -19.94 -4.14
CA MET A 618 26.28 -21.27 -4.29
C MET A 618 26.70 -22.23 -3.13
N PRO A 619 27.97 -22.29 -2.63
CA PRO A 619 28.29 -23.20 -1.51
C PRO A 619 27.54 -22.98 -0.18
N SER A 620 26.88 -21.81 0.00
CA SER A 620 26.04 -21.52 1.18
C SER A 620 24.79 -22.44 1.17
N MET A 621 24.57 -23.15 0.02
CA MET A 621 23.51 -24.10 -0.25
C MET A 621 24.01 -25.55 -0.22
N LYS A 622 23.11 -26.48 0.12
CA LYS A 622 23.35 -27.93 0.20
C LYS A 622 23.85 -28.49 -1.14
N ARG A 623 23.25 -28.03 -2.27
CA ARG A 623 23.56 -28.44 -3.64
C ARG A 623 25.05 -28.25 -3.97
N PHE A 624 25.57 -27.02 -3.79
CA PHE A 624 26.97 -26.67 -4.06
C PHE A 624 27.69 -26.41 -2.75
#